data_3DR0
#
_entry.id   3DR0
#
_cell.length_a   82.879
_cell.length_b   82.879
_cell.length_c   28.277
_cell.angle_alpha   90.00
_cell.angle_beta   90.00
_cell.angle_gamma   120.00
#
_symmetry.space_group_name_H-M   'P 32'
#
loop_
_entity.id
_entity.type
_entity.pdbx_description
1 polymer 'Cytochrome c6'
2 non-polymer 'PROTOPORPHYRIN IX CONTAINING FE'
3 non-polymer 'SULFATE ION'
4 water water
#
_entity_poly.entity_id   1
_entity_poly.type   'polypeptide(L)'
_entity_poly.pdbx_seq_one_letter_code
;ADAAAGAQVFAANCAACHAGGNNAVMPTKTLKADALKTYLAGYKDGSKSLEEAVAYQVTNGQGAMPAFGGRLSDADIANV
AAYIADQAENNKW
;
_entity_poly.pdbx_strand_id   A,B,C
#
loop_
_chem_comp.id
_chem_comp.type
_chem_comp.name
_chem_comp.formula
HEM non-polymer 'PROTOPORPHYRIN IX CONTAINING FE' 'C34 H32 Fe N4 O4'
SO4 non-polymer 'SULFATE ION' 'O4 S -2'
#
# COMPACT_ATOMS: atom_id res chain seq x y z
N ALA A 1 -15.26 8.72 -10.78
CA ALA A 1 -14.33 8.57 -9.60
C ALA A 1 -15.07 7.91 -8.41
N ASP A 2 -14.41 7.74 -7.28
CA ASP A 2 -14.92 6.90 -6.19
C ASP A 2 -15.07 7.76 -4.94
N ALA A 3 -16.31 8.18 -4.66
CA ALA A 3 -16.60 9.02 -3.50
C ALA A 3 -16.25 8.34 -2.19
N ALA A 4 -16.49 7.05 -2.04
CA ALA A 4 -16.13 6.34 -0.79
C ALA A 4 -14.63 6.38 -0.54
N ALA A 5 -13.82 6.14 -1.56
CA ALA A 5 -12.37 6.31 -1.44
C ALA A 5 -12.05 7.75 -1.06
N GLY A 6 -12.75 8.67 -1.67
CA GLY A 6 -12.59 10.07 -1.34
C GLY A 6 -12.85 10.45 0.11
N ALA A 7 -13.77 9.75 0.79
CA ALA A 7 -14.01 9.97 2.23
C ALA A 7 -12.74 9.68 3.05
N GLN A 8 -11.96 8.70 2.63
CA GLN A 8 -10.70 8.35 3.30
C GLN A 8 -9.65 9.41 3.02
N VAL A 9 -9.54 9.84 1.76
CA VAL A 9 -8.61 10.92 1.41
C VAL A 9 -8.96 12.15 2.26
N PHE A 10 -10.27 12.42 2.39
CA PHE A 10 -10.68 13.60 3.14
C PHE A 10 -10.27 13.52 4.63
N ALA A 11 -10.50 12.36 5.21
CA ALA A 11 -10.12 12.16 6.59
C ALA A 11 -8.64 12.42 6.79
N ALA A 12 -7.81 11.92 5.88
CA ALA A 12 -6.36 12.01 6.04
C ALA A 12 -5.82 13.40 5.76
N ASN A 13 -6.50 14.22 4.96
CA ASN A 13 -5.90 15.42 4.42
C ASN A 13 -6.69 16.72 4.56
N CYS A 14 -7.97 16.62 4.87
CA CYS A 14 -8.88 17.78 4.74
C CYS A 14 -9.65 18.10 6.03
N ALA A 15 -9.90 17.10 6.84
CA ALA A 15 -10.76 17.23 8.00
C ALA A 15 -10.21 18.17 9.09
N ALA A 16 -8.91 18.50 9.09
CA ALA A 16 -8.36 19.47 10.05
C ALA A 16 -9.02 20.82 9.86
N CYS A 17 -9.34 21.16 8.63
CA CYS A 17 -9.93 22.46 8.32
C CYS A 17 -11.37 22.42 7.87
N HIS A 18 -11.88 21.26 7.46
CA HIS A 18 -13.19 21.13 6.86
C HIS A 18 -14.08 20.04 7.51
N ALA A 19 -13.82 19.72 8.79
CA ALA A 19 -14.69 18.80 9.50
C ALA A 19 -16.11 19.27 9.36
N GLY A 20 -17.02 18.35 9.14
CA GLY A 20 -18.39 18.67 9.02
C GLY A 20 -18.79 19.38 7.73
N GLY A 21 -17.85 19.51 6.80
CA GLY A 21 -18.09 20.26 5.57
C GLY A 21 -18.05 21.76 5.76
N ASN A 22 -17.54 22.21 6.90
CA ASN A 22 -17.44 23.63 7.23
C ASN A 22 -16.04 24.16 6.85
N ASN A 23 -15.65 25.29 7.40
CA ASN A 23 -14.31 25.84 7.15
C ASN A 23 -13.84 26.53 8.40
N ALA A 24 -12.88 25.91 9.08
CA ALA A 24 -12.31 26.40 10.34
C ALA A 24 -11.51 27.67 10.19
N VAL A 25 -11.11 28.04 8.99
CA VAL A 25 -10.19 29.16 8.76
C VAL A 25 -10.94 30.38 8.20
N MET A 26 -11.77 30.16 7.16
CA MET A 26 -12.51 31.20 6.45
C MET A 26 -13.95 30.72 6.47
N PRO A 27 -14.71 31.17 7.44
CA PRO A 27 -15.96 30.50 7.75
C PRO A 27 -17.04 30.48 6.64
N THR A 28 -17.07 31.47 5.73
CA THR A 28 -18.05 31.47 4.66
C THR A 28 -17.80 30.46 3.56
N LYS A 29 -16.56 30.06 3.32
CA LYS A 29 -16.23 29.21 2.18
C LYS A 29 -16.25 27.74 2.61
N THR A 30 -17.46 27.28 2.88
CA THR A 30 -17.68 25.92 3.31
C THR A 30 -17.77 24.96 2.10
N LEU A 31 -17.97 23.68 2.40
CA LEU A 31 -18.14 22.66 1.38
C LEU A 31 -19.59 22.29 1.19
N LYS A 32 -20.49 23.20 1.56
CA LYS A 32 -21.94 22.98 1.40
C LYS A 32 -22.39 23.49 0.02
N ALA A 33 -23.53 22.99 -0.43
CA ALA A 33 -23.96 23.25 -1.82
C ALA A 33 -24.16 24.73 -2.11
N ASP A 34 -24.71 25.49 -1.13
CA ASP A 34 -24.94 26.91 -1.36
C ASP A 34 -23.63 27.68 -1.43
N ALA A 35 -22.72 27.47 -0.48
CA ALA A 35 -21.44 28.18 -0.50
C ALA A 35 -20.62 27.84 -1.72
N LEU A 36 -20.59 26.58 -2.10
CA LEU A 36 -19.81 26.21 -3.28
C LEU A 36 -20.32 26.93 -4.55
N LYS A 37 -21.64 26.99 -4.73
CA LYS A 37 -22.20 27.65 -5.91
C LYS A 37 -21.91 29.14 -5.87
N THR A 38 -21.86 29.74 -4.68
CA THR A 38 -21.54 31.17 -4.56
C THR A 38 -20.06 31.48 -4.85
N TYR A 39 -19.16 30.65 -4.32
CA TYR A 39 -17.74 31.04 -4.24
C TYR A 39 -16.80 30.28 -5.19
N LEU A 40 -17.11 29.03 -5.55
CA LEU A 40 -16.11 28.20 -6.18
C LEU A 40 -15.98 28.50 -7.66
N ALA A 41 -14.78 28.91 -8.06
CA ALA A 41 -14.47 29.20 -9.45
C ALA A 41 -14.88 28.08 -10.36
N GLY A 42 -15.43 28.42 -11.52
CA GLY A 42 -15.82 27.47 -12.53
C GLY A 42 -17.21 26.96 -12.28
N TYR A 43 -17.43 26.41 -11.08
CA TYR A 43 -18.74 25.95 -10.70
C TYR A 43 -19.71 27.12 -10.61
N LYS A 44 -19.26 28.25 -10.04
CA LYS A 44 -20.14 29.38 -9.74
C LYS A 44 -20.86 29.92 -10.97
N ASP A 45 -20.29 29.79 -12.15
CA ASP A 45 -20.92 30.27 -13.37
C ASP A 45 -21.23 29.17 -14.39
N GLY A 46 -21.17 27.93 -13.98
CA GLY A 46 -21.55 26.85 -14.88
C GLY A 46 -20.55 26.50 -15.95
N SER A 47 -19.33 27.00 -15.83
CA SER A 47 -18.30 26.70 -16.82
C SER A 47 -17.59 25.38 -16.52
N LYS A 48 -17.69 24.89 -15.28
CA LYS A 48 -17.17 23.61 -14.87
C LYS A 48 -18.20 22.86 -14.03
N SER A 49 -18.18 21.53 -14.10
CA SER A 49 -18.91 20.72 -13.12
C SER A 49 -18.36 20.93 -11.74
N LEU A 50 -19.14 20.54 -10.75
CA LEU A 50 -18.69 20.69 -9.36
C LEU A 50 -17.42 19.84 -9.16
N GLU A 51 -17.42 18.59 -9.63
CA GLU A 51 -16.22 17.73 -9.46
C GLU A 51 -14.99 18.37 -10.08
N GLU A 52 -15.09 18.89 -11.30
CA GLU A 52 -13.91 19.45 -11.94
C GLU A 52 -13.45 20.69 -11.17
N ALA A 53 -14.41 21.53 -10.78
CA ALA A 53 -14.10 22.79 -10.07
C ALA A 53 -13.42 22.47 -8.72
N VAL A 54 -13.92 21.46 -8.01
CA VAL A 54 -13.28 21.09 -6.75
C VAL A 54 -11.87 20.51 -7.02
N ALA A 55 -11.71 19.66 -8.04
CA ALA A 55 -10.40 19.14 -8.33
C ALA A 55 -9.40 20.26 -8.60
N TYR A 56 -9.79 21.31 -9.34
CA TYR A 56 -8.88 22.40 -9.65
C TYR A 56 -8.46 23.10 -8.36
N GLN A 57 -9.41 23.41 -7.50
CA GLN A 57 -9.16 24.07 -6.22
C GLN A 57 -8.21 23.25 -5.35
N VAL A 58 -8.47 21.96 -5.25
CA VAL A 58 -7.66 21.06 -4.46
C VAL A 58 -6.23 20.97 -5.01
N THR A 59 -6.09 20.83 -6.33
CA THR A 59 -4.79 20.68 -6.93
C THR A 59 -3.91 21.93 -6.70
N ASN A 60 -4.52 23.11 -6.91
CA ASN A 60 -3.79 24.37 -7.05
C ASN A 60 -3.82 25.31 -5.85
N GLY A 61 -4.76 25.13 -4.93
CA GLY A 61 -4.88 26.02 -3.76
C GLY A 61 -5.53 27.36 -4.04
N GLN A 62 -5.87 28.07 -2.96
CA GLN A 62 -6.43 29.42 -3.02
C GLN A 62 -6.39 29.98 -1.62
N GLY A 63 -5.83 31.15 -1.44
CA GLY A 63 -5.74 31.71 -0.09
C GLY A 63 -5.05 30.75 0.83
N ALA A 64 -5.62 30.55 2.01
CA ALA A 64 -5.10 29.59 2.98
C ALA A 64 -5.49 28.13 2.72
N MET A 65 -6.21 27.88 1.64
CA MET A 65 -6.47 26.50 1.17
C MET A 65 -5.18 26.01 0.48
N PRO A 66 -4.54 24.98 1.05
CA PRO A 66 -3.31 24.50 0.40
C PRO A 66 -3.52 23.89 -0.97
N ALA A 67 -2.44 23.84 -1.74
CA ALA A 67 -2.33 23.09 -2.98
C ALA A 67 -1.93 21.67 -2.69
N PHE A 68 -2.61 20.70 -3.24
CA PHE A 68 -2.33 19.28 -3.01
C PHE A 68 -1.76 18.58 -4.24
N GLY A 69 -1.59 19.32 -5.35
CA GLY A 69 -0.97 18.72 -6.53
C GLY A 69 0.45 18.23 -6.11
N GLY A 70 0.79 17.03 -6.44
CA GLY A 70 2.11 16.58 -5.99
C GLY A 70 2.22 15.96 -4.60
N ARG A 71 1.30 16.24 -3.70
CA ARG A 71 1.18 15.55 -2.43
C ARG A 71 0.17 14.38 -2.53
N LEU A 72 -0.86 14.53 -3.38
CA LEU A 72 -1.89 13.53 -3.55
C LEU A 72 -1.85 13.14 -5.02
N SER A 73 -2.15 11.87 -5.31
CA SER A 73 -2.24 11.38 -6.68
C SER A 73 -3.42 12.06 -7.40
N ASP A 74 -3.40 12.06 -8.71
CA ASP A 74 -4.56 12.45 -9.47
C ASP A 74 -5.79 11.66 -9.07
N ALA A 75 -5.65 10.37 -8.81
CA ALA A 75 -6.77 9.56 -8.36
C ALA A 75 -7.32 10.05 -7.05
N ASP A 76 -6.45 10.35 -6.08
CA ASP A 76 -6.93 10.82 -4.79
C ASP A 76 -7.67 12.13 -4.90
N ILE A 77 -7.17 13.00 -5.76
CA ILE A 77 -7.78 14.32 -5.94
C ILE A 77 -9.15 14.14 -6.61
N ALA A 78 -9.21 13.29 -7.65
CA ALA A 78 -10.49 13.02 -8.29
C ALA A 78 -11.48 12.39 -7.33
N ASN A 79 -11.00 11.46 -6.50
CA ASN A 79 -11.87 10.82 -5.53
C ASN A 79 -12.39 11.77 -4.47
N VAL A 80 -11.51 12.64 -3.98
CA VAL A 80 -11.99 13.57 -2.96
C VAL A 80 -12.92 14.61 -3.57
N ALA A 81 -12.72 14.94 -4.84
CA ALA A 81 -13.63 15.88 -5.55
C ALA A 81 -14.97 15.23 -5.74
N ALA A 82 -14.99 13.96 -6.11
CA ALA A 82 -16.24 13.19 -6.18
C ALA A 82 -16.94 13.14 -4.82
N TYR A 83 -16.18 12.90 -3.76
CA TYR A 83 -16.72 12.90 -2.43
C TYR A 83 -17.36 14.23 -2.05
N ILE A 84 -16.66 15.33 -2.27
CA ILE A 84 -17.27 16.64 -1.93
C ILE A 84 -18.52 16.89 -2.75
N ALA A 85 -18.50 16.59 -4.05
CA ALA A 85 -19.67 16.81 -4.86
C ALA A 85 -20.84 16.01 -4.32
N ASP A 86 -20.59 14.74 -3.98
CA ASP A 86 -21.63 13.89 -3.50
C ASP A 86 -22.15 14.38 -2.14
N GLN A 87 -21.23 14.72 -1.22
CA GLN A 87 -21.65 15.18 0.07
C GLN A 87 -22.47 16.47 -0.01
N ALA A 88 -22.01 17.40 -0.84
CA ALA A 88 -22.67 18.69 -0.99
C ALA A 88 -24.03 18.53 -1.68
N GLU A 89 -24.07 17.86 -2.82
CA GLU A 89 -25.31 17.75 -3.60
C GLU A 89 -26.39 16.99 -2.84
N ASN A 90 -25.97 16.01 -2.05
CA ASN A 90 -26.86 15.18 -1.28
C ASN A 90 -27.07 15.65 0.15
N ASN A 91 -26.48 16.79 0.51
CA ASN A 91 -26.61 17.34 1.83
C ASN A 91 -26.33 16.32 2.93
N LYS A 92 -25.26 15.57 2.72
CA LYS A 92 -24.85 14.49 3.64
C LYS A 92 -24.04 15.04 4.86
C LYS A 92 -23.99 15.03 4.74
N TRP A 93 -23.38 16.22 4.79
N TRP A 93 -23.63 16.26 4.58
CA TRP A 93 -22.40 16.74 5.81
CA TRP A 93 -23.27 17.03 5.70
C TRP A 93 -22.91 16.84 7.26
C TRP A 93 -23.94 18.38 5.59
N ALA B 1 21.19 -3.90 10.20
CA ALA B 1 20.75 -4.60 8.99
C ALA B 1 21.77 -4.50 7.89
N ASP B 2 21.50 -5.15 6.77
CA ASP B 2 22.49 -5.35 5.68
C ASP B 2 21.97 -4.69 4.42
N ALA B 3 22.45 -3.47 4.16
CA ALA B 3 22.00 -2.72 2.96
C ALA B 3 22.30 -3.46 1.65
N ALA B 4 23.45 -4.13 1.58
CA ALA B 4 23.81 -4.86 0.37
C ALA B 4 22.76 -5.92 0.10
N ALA B 5 22.36 -6.68 1.12
CA ALA B 5 21.29 -7.68 0.97
C ALA B 5 19.96 -6.98 0.58
N GLY B 6 19.74 -5.78 1.11
CA GLY B 6 18.57 -5.03 0.76
C GLY B 6 18.48 -4.68 -0.73
N ALA B 7 19.61 -4.53 -1.43
CA ALA B 7 19.61 -4.28 -2.85
C ALA B 7 18.95 -5.43 -3.62
N GLN B 8 19.10 -6.67 -3.13
CA GLN B 8 18.44 -7.82 -3.73
C GLN B 8 16.94 -7.82 -3.47
N VAL B 9 16.55 -7.54 -2.23
CA VAL B 9 15.15 -7.43 -1.88
C VAL B 9 14.51 -6.37 -2.77
N PHE B 10 15.22 -5.26 -2.98
CA PHE B 10 14.68 -4.17 -3.80
C PHE B 10 14.49 -4.60 -5.24
N ALA B 11 15.48 -5.29 -5.79
CA ALA B 11 15.38 -5.78 -7.17
C ALA B 11 14.16 -6.66 -7.33
N ALA B 12 13.91 -7.53 -6.35
CA ALA B 12 12.85 -8.52 -6.42
C ALA B 12 11.46 -7.95 -6.18
N ASN B 13 11.34 -6.87 -5.40
CA ASN B 13 10.03 -6.43 -4.89
C ASN B 13 9.65 -4.97 -5.18
N CYS B 14 10.63 -4.11 -5.48
CA CYS B 14 10.44 -2.67 -5.46
C CYS B 14 10.74 -2.00 -6.78
N ALA B 15 11.66 -2.57 -7.55
CA ALA B 15 12.16 -1.91 -8.76
C ALA B 15 11.09 -1.80 -9.81
N ALA B 16 10.04 -2.61 -9.70
CA ALA B 16 8.94 -2.44 -10.57
C ALA B 16 8.34 -1.01 -10.61
N CYS B 17 8.29 -0.37 -9.45
CA CYS B 17 7.75 0.97 -9.36
C CYS B 17 8.79 2.03 -9.01
N HIS B 18 9.96 1.61 -8.50
CA HIS B 18 10.96 2.55 -7.99
C HIS B 18 12.34 2.32 -8.62
N ALA B 19 12.41 1.82 -9.84
CA ALA B 19 13.69 1.77 -10.55
C ALA B 19 14.36 3.12 -10.54
N GLY B 20 15.68 3.12 -10.33
CA GLY B 20 16.41 4.32 -10.29
C GLY B 20 16.21 5.18 -9.06
N GLY B 21 15.46 4.69 -8.09
CA GLY B 21 15.06 5.47 -6.94
C GLY B 21 13.95 6.45 -7.19
N ASN B 22 13.26 6.34 -8.33
CA ASN B 22 12.19 7.24 -8.70
C ASN B 22 10.85 6.62 -8.31
N ASN B 23 9.75 7.12 -8.87
CA ASN B 23 8.45 6.57 -8.57
C ASN B 23 7.61 6.67 -9.84
N ALA B 24 7.40 5.50 -10.47
CA ALA B 24 6.70 5.41 -11.74
C ALA B 24 5.22 5.72 -11.61
N VAL B 25 4.66 5.56 -10.42
CA VAL B 25 3.23 5.69 -10.16
C VAL B 25 2.86 7.10 -9.67
N MET B 26 3.58 7.64 -8.71
CA MET B 26 3.34 8.96 -8.11
C MET B 26 4.66 9.68 -8.22
N PRO B 27 4.86 10.46 -9.28
CA PRO B 27 6.20 10.89 -9.64
C PRO B 27 6.96 11.74 -8.62
N THR B 28 6.26 12.50 -7.80
CA THR B 28 6.91 13.32 -6.80
C THR B 28 7.47 12.54 -5.62
N LYS B 29 6.92 11.37 -5.32
CA LYS B 29 7.24 10.64 -4.12
C LYS B 29 8.34 9.61 -4.40
N THR B 30 9.51 10.14 -4.73
CA THR B 30 10.66 9.32 -5.09
C THR B 30 11.34 8.82 -3.80
N LEU B 31 12.37 8.03 -4.01
CA LEU B 31 13.22 7.54 -2.93
C LEU B 31 14.50 8.33 -2.80
N LYS B 32 14.49 9.56 -3.30
CA LYS B 32 15.63 10.44 -3.18
C LYS B 32 15.47 11.33 -1.93
N ALA B 33 16.60 11.82 -1.42
CA ALA B 33 16.62 12.47 -0.12
C ALA B 33 15.70 13.66 -0.01
N ASP B 34 15.59 14.45 -1.08
CA ASP B 34 14.72 15.64 -1.07
C ASP B 34 13.23 15.28 -0.91
N ALA B 35 12.77 14.35 -1.73
CA ALA B 35 11.37 13.93 -1.68
C ALA B 35 11.08 13.22 -0.37
N LEU B 36 11.96 12.33 0.06
CA LEU B 36 11.71 11.63 1.34
C LEU B 36 11.59 12.59 2.50
N LYS B 37 12.43 13.62 2.56
CA LYS B 37 12.36 14.57 3.66
C LYS B 37 11.07 15.42 3.59
N THR B 38 10.53 15.64 2.39
CA THR B 38 9.30 16.37 2.25
C THR B 38 8.07 15.55 2.61
N TYR B 39 8.05 14.28 2.18
CA TYR B 39 6.83 13.47 2.19
C TYR B 39 6.77 12.34 3.23
N LEU B 40 7.90 11.72 3.55
CA LEU B 40 7.81 10.44 4.28
C LEU B 40 7.57 10.65 5.80
N ALA B 41 6.47 10.09 6.30
CA ALA B 41 6.12 10.17 7.70
C ALA B 41 7.28 9.73 8.58
N GLY B 42 7.48 10.40 9.72
CA GLY B 42 8.55 10.05 10.64
C GLY B 42 9.86 10.73 10.29
N TYR B 43 10.33 10.43 9.08
CA TYR B 43 11.53 11.04 8.60
C TYR B 43 11.36 12.55 8.43
N LYS B 44 10.24 12.94 7.89
CA LYS B 44 10.05 14.31 7.49
C LYS B 44 10.09 15.30 8.65
N ASP B 45 9.77 14.86 9.88
CA ASP B 45 9.60 15.75 11.00
C ASP B 45 10.50 15.40 12.18
N GLY B 46 11.48 14.52 11.95
CA GLY B 46 12.45 14.22 13.00
C GLY B 46 11.95 13.39 14.12
N SER B 47 10.91 12.59 13.85
CA SER B 47 10.41 11.68 14.86
C SER B 47 10.96 10.27 14.69
N LYS B 48 11.52 9.93 13.52
CA LYS B 48 12.10 8.62 13.24
C LYS B 48 13.31 8.79 12.36
N SER B 49 14.23 7.83 12.46
CA SER B 49 15.33 7.77 11.51
C SER B 49 14.74 7.43 10.13
N LEU B 50 15.49 7.70 9.09
CA LEU B 50 15.12 7.32 7.74
C LEU B 50 14.86 5.82 7.64
N GLU B 51 15.77 5.02 8.18
CA GLU B 51 15.61 3.59 8.11
C GLU B 51 14.33 3.14 8.81
N GLU B 52 14.04 3.64 9.99
CA GLU B 52 12.82 3.23 10.68
C GLU B 52 11.56 3.69 9.92
N ALA B 53 11.61 4.89 9.38
CA ALA B 53 10.50 5.46 8.66
C ALA B 53 10.24 4.66 7.37
N VAL B 54 11.28 4.22 6.67
CA VAL B 54 11.14 3.40 5.49
C VAL B 54 10.55 2.05 5.88
N ALA B 55 11.08 1.45 6.95
CA ALA B 55 10.57 0.17 7.41
C ALA B 55 9.08 0.24 7.68
N TYR B 56 8.64 1.33 8.30
CA TYR B 56 7.21 1.48 8.61
C TYR B 56 6.35 1.60 7.34
N GLN B 57 6.81 2.42 6.40
CA GLN B 57 6.12 2.58 5.10
C GLN B 57 6.03 1.25 4.36
N VAL B 58 7.11 0.52 4.32
CA VAL B 58 7.16 -0.77 3.63
C VAL B 58 6.25 -1.78 4.32
N THR B 59 6.28 -1.83 5.65
CA THR B 59 5.42 -2.76 6.40
C THR B 59 3.94 -2.49 6.17
N ASN B 60 3.54 -1.22 6.21
CA ASN B 60 2.14 -0.85 6.32
C ASN B 60 1.50 -0.32 5.05
N GLY B 61 2.31 0.10 4.09
CA GLY B 61 1.81 0.69 2.88
C GLY B 61 1.24 2.07 3.08
N GLN B 62 0.91 2.70 1.97
CA GLN B 62 0.29 4.06 2.00
C GLN B 62 -0.34 4.21 0.65
N GLY B 63 -1.65 4.01 0.59
CA GLY B 63 -2.39 4.21 -0.62
C GLY B 63 -1.94 3.29 -1.72
N ALA B 64 -1.47 3.87 -2.86
CA ALA B 64 -0.97 3.03 -3.99
C ALA B 64 0.40 2.43 -3.76
N MET B 65 1.05 2.75 -2.65
CA MET B 65 2.23 2.01 -2.18
C MET B 65 1.74 0.81 -1.42
N PRO B 66 1.98 -0.40 -1.96
CA PRO B 66 1.53 -1.58 -1.24
C PRO B 66 2.13 -1.77 0.15
N ALA B 67 1.39 -2.46 1.02
CA ALA B 67 1.94 -3.03 2.24
C ALA B 67 2.71 -4.29 1.90
N PHE B 68 3.82 -4.49 2.59
CA PHE B 68 4.67 -5.68 2.42
C PHE B 68 4.92 -6.44 3.71
N GLY B 69 4.33 -5.99 4.82
CA GLY B 69 4.61 -6.66 6.08
C GLY B 69 4.16 -8.11 6.13
N GLY B 70 3.17 -8.45 5.31
CA GLY B 70 2.67 -9.83 5.21
C GLY B 70 3.49 -10.69 4.28
N ARG B 71 3.88 -10.15 3.15
CA ARG B 71 4.65 -10.90 2.14
C ARG B 71 6.15 -11.07 2.42
N LEU B 72 6.76 -10.08 3.08
CA LEU B 72 8.19 -10.10 3.29
C LEU B 72 8.56 -10.49 4.70
N SER B 73 9.69 -11.21 4.78
CA SER B 73 10.26 -11.55 6.04
C SER B 73 10.75 -10.35 6.80
N ASP B 74 10.89 -10.50 8.11
CA ASP B 74 11.44 -9.45 8.91
C ASP B 74 12.81 -9.01 8.42
N ALA B 75 13.64 -9.99 8.06
CA ALA B 75 14.99 -9.72 7.57
C ALA B 75 14.90 -8.87 6.30
N ASP B 76 14.04 -9.27 5.39
CA ASP B 76 13.94 -8.57 4.12
C ASP B 76 13.50 -7.12 4.31
N ILE B 77 12.57 -6.90 5.21
CA ILE B 77 12.09 -5.54 5.45
C ILE B 77 13.19 -4.71 6.07
N ALA B 78 13.91 -5.25 7.04
CA ALA B 78 14.98 -4.52 7.70
C ALA B 78 16.07 -4.19 6.68
N ASN B 79 16.41 -5.17 5.84
CA ASN B 79 17.48 -4.98 4.86
C ASN B 79 17.11 -3.96 3.80
N VAL B 80 15.89 -4.04 3.25
CA VAL B 80 15.51 -3.06 2.22
C VAL B 80 15.42 -1.65 2.80
N ALA B 81 15.00 -1.53 4.05
CA ALA B 81 14.95 -0.22 4.71
C ALA B 81 16.35 0.35 4.86
N ALA B 82 17.30 -0.48 5.31
CA ALA B 82 18.71 -0.06 5.37
C ALA B 82 19.19 0.36 4.00
N TYR B 83 18.85 -0.40 2.97
CA TYR B 83 19.25 -0.06 1.60
C TYR B 83 18.71 1.29 1.14
N ILE B 84 17.42 1.56 1.31
CA ILE B 84 16.89 2.83 0.88
C ILE B 84 17.57 3.95 1.64
N ALA B 85 17.73 3.82 2.96
CA ALA B 85 18.35 4.87 3.73
C ALA B 85 19.74 5.19 3.22
N ASP B 86 20.52 4.14 2.96
CA ASP B 86 21.89 4.33 2.50
C ASP B 86 21.90 4.96 1.09
N GLN B 87 21.06 4.44 0.19
CA GLN B 87 21.01 4.97 -1.18
C GLN B 87 20.66 6.46 -1.17
N ALA B 88 19.63 6.82 -0.40
CA ALA B 88 19.12 8.17 -0.37
C ALA B 88 20.10 9.11 0.29
N GLU B 89 20.59 8.77 1.49
CA GLU B 89 21.48 9.67 2.22
C GLU B 89 22.79 9.90 1.49
N ASN B 90 23.26 8.88 0.79
CA ASN B 90 24.50 8.96 0.03
C ASN B 90 24.33 9.36 -1.42
N ASN B 91 23.10 9.63 -1.84
CA ASN B 91 22.83 10.02 -3.22
C ASN B 91 23.48 9.04 -4.21
N LYS B 92 23.28 7.75 -3.94
CA LYS B 92 23.81 6.68 -4.77
C LYS B 92 22.87 6.31 -5.88
C LYS B 92 22.91 6.36 -6.00
N TRP B 93 21.71 6.93 -5.82
N TRP B 93 21.60 6.70 -6.00
CA TRP B 93 20.95 7.15 -6.97
CA TRP B 93 20.56 6.22 -6.97
C TRP B 93 20.47 8.59 -7.05
C TRP B 93 20.93 6.56 -8.40
N ALA C 1 -0.36 -13.01 11.96
CA ALA C 1 -1.31 -13.18 10.82
C ALA C 1 -2.43 -14.08 11.33
N ASP C 2 -3.48 -14.31 10.53
CA ASP C 2 -4.70 -14.98 11.03
C ASP C 2 -4.87 -16.29 10.22
N ALA C 3 -4.43 -17.40 10.79
CA ALA C 3 -4.54 -18.72 10.12
C ALA C 3 -5.98 -19.15 9.86
N ALA C 4 -6.90 -18.81 10.75
CA ALA C 4 -8.32 -19.08 10.57
C ALA C 4 -8.86 -18.41 9.28
N ALA C 5 -8.51 -17.13 9.12
CA ALA C 5 -8.85 -16.41 7.92
C ALA C 5 -8.11 -16.96 6.70
N GLY C 6 -6.92 -17.47 6.91
CA GLY C 6 -6.18 -18.12 5.86
C GLY C 6 -6.86 -19.35 5.28
N ALA C 7 -7.64 -20.09 6.09
CA ALA C 7 -8.41 -21.24 5.58
C ALA C 7 -9.40 -20.78 4.48
N GLN C 8 -9.97 -19.59 4.62
CA GLN C 8 -10.90 -19.03 3.68
C GLN C 8 -10.16 -18.57 2.42
N VAL C 9 -9.02 -17.90 2.61
CA VAL C 9 -8.20 -17.51 1.46
C VAL C 9 -7.84 -18.74 0.64
N PHE C 10 -7.47 -19.82 1.33
CA PHE C 10 -7.08 -21.06 0.71
C PHE C 10 -8.23 -21.67 -0.10
N ALA C 11 -9.41 -21.72 0.49
CA ALA C 11 -10.59 -22.27 -0.20
C ALA C 11 -10.84 -21.48 -1.52
N ALA C 12 -10.69 -20.15 -1.46
CA ALA C 12 -10.99 -19.30 -2.58
C ALA C 12 -9.94 -19.31 -3.68
N ASN C 13 -8.69 -19.60 -3.32
CA ASN C 13 -7.59 -19.34 -4.25
C ASN C 13 -6.63 -20.48 -4.50
N CYS C 14 -6.66 -21.51 -3.68
CA CYS C 14 -5.61 -22.53 -3.68
C CYS C 14 -6.10 -23.92 -3.83
N ALA C 15 -7.31 -24.18 -3.37
CA ALA C 15 -7.86 -25.53 -3.37
C ALA C 15 -8.07 -26.09 -4.77
N ALA C 16 -8.09 -25.26 -5.81
CA ALA C 16 -8.18 -25.76 -7.19
C ALA C 16 -7.03 -26.70 -7.51
N CYS C 17 -5.84 -26.44 -6.94
CA CYS C 17 -4.67 -27.29 -7.19
C CYS C 17 -4.14 -27.99 -5.95
N HIS C 18 -4.53 -27.52 -4.76
CA HIS C 18 -3.99 -28.10 -3.55
C HIS C 18 -5.04 -28.62 -2.58
N ALA C 19 -6.16 -29.10 -3.13
CA ALA C 19 -7.18 -29.72 -2.28
C ALA C 19 -6.50 -30.78 -1.42
N GLY C 20 -6.87 -30.82 -0.16
CA GLY C 20 -6.32 -31.74 0.79
C GLY C 20 -4.89 -31.53 1.23
N GLY C 21 -4.34 -30.40 0.85
CA GLY C 21 -2.93 -30.17 1.08
C GLY C 21 -1.99 -30.86 0.10
N ASN C 22 -2.56 -31.41 -0.97
CA ASN C 22 -1.83 -32.15 -1.98
C ASN C 22 -1.45 -31.24 -3.13
N ASN C 23 -1.08 -31.78 -4.27
CA ASN C 23 -0.78 -30.99 -5.43
C ASN C 23 -1.26 -31.75 -6.66
N ALA C 24 -2.31 -31.26 -7.29
CA ALA C 24 -2.90 -31.96 -8.43
C ALA C 24 -2.04 -31.91 -9.67
N VAL C 25 -1.19 -30.89 -9.77
CA VAL C 25 -0.38 -30.58 -10.95
C VAL C 25 0.99 -31.28 -10.88
N MET C 26 1.60 -31.27 -9.70
CA MET C 26 2.89 -31.91 -9.46
C MET C 26 2.86 -32.68 -8.15
N PRO C 27 2.39 -33.96 -8.21
CA PRO C 27 2.01 -34.62 -6.95
C PRO C 27 3.02 -34.68 -5.82
N THR C 28 4.32 -34.66 -6.10
CA THR C 28 5.28 -34.72 -5.02
C THR C 28 5.35 -33.43 -4.17
N LYS C 29 5.08 -32.28 -4.78
CA LYS C 29 5.27 -31.00 -4.05
C LYS C 29 4.00 -30.56 -3.37
N THR C 30 3.70 -31.32 -2.35
CA THR C 30 2.53 -31.09 -1.55
C THR C 30 2.75 -29.98 -0.54
N LEU C 31 1.69 -29.71 0.20
CA LEU C 31 1.74 -28.78 1.31
C LEU C 31 1.89 -29.46 2.68
N LYS C 32 2.42 -30.68 2.67
CA LYS C 32 2.63 -31.46 3.88
C LYS C 32 4.03 -31.27 4.41
N ALA C 33 4.24 -31.56 5.67
CA ALA C 33 5.48 -31.20 6.34
C ALA C 33 6.71 -31.83 5.68
N ASP C 34 6.58 -33.06 5.24
CA ASP C 34 7.71 -33.74 4.62
C ASP C 34 8.11 -33.08 3.29
N ALA C 35 7.15 -32.85 2.41
CA ALA C 35 7.44 -32.21 1.13
C ALA C 35 7.94 -30.81 1.30
N LEU C 36 7.32 -30.03 2.18
CA LEU C 36 7.77 -28.65 2.39
C LEU C 36 9.21 -28.59 2.83
N LYS C 37 9.59 -29.45 3.79
CA LYS C 37 10.99 -29.44 4.26
C LYS C 37 11.96 -29.90 3.16
N THR C 38 11.53 -30.79 2.31
CA THR C 38 12.34 -31.27 1.20
C THR C 38 12.54 -30.23 0.09
N TYR C 39 11.47 -29.52 -0.28
CA TYR C 39 11.46 -28.73 -1.50
C TYR C 39 11.48 -27.23 -1.35
N LEU C 40 10.91 -26.69 -0.26
CA LEU C 40 10.62 -25.25 -0.22
C LEU C 40 11.84 -24.42 0.09
N ALA C 41 12.18 -23.52 -0.82
CA ALA C 41 13.32 -22.62 -0.67
C ALA C 41 13.33 -21.91 0.67
N GLY C 42 14.51 -21.86 1.29
CA GLY C 42 14.68 -21.16 2.54
C GLY C 42 14.37 -22.04 3.73
N TYR C 43 13.15 -22.58 3.73
CA TYR C 43 12.79 -23.57 4.74
C TYR C 43 13.71 -24.77 4.70
N LYS C 44 13.99 -25.26 3.49
CA LYS C 44 14.70 -26.52 3.32
C LYS C 44 16.12 -26.47 3.91
N ASP C 45 16.73 -25.28 3.99
CA ASP C 45 18.10 -25.12 4.55
C ASP C 45 18.19 -24.37 5.88
N GLY C 46 17.06 -24.16 6.54
CA GLY C 46 17.06 -23.51 7.86
C GLY C 46 17.28 -22.00 7.84
N SER C 47 17.17 -21.38 6.65
CA SER C 47 17.38 -19.94 6.56
C SER C 47 16.12 -19.11 6.68
N LYS C 48 14.95 -19.76 6.63
CA LYS C 48 13.65 -19.11 6.81
C LYS C 48 12.75 -20.06 7.58
N SER C 49 11.84 -19.49 8.33
CA SER C 49 10.75 -20.24 8.94
C SER C 49 9.82 -20.75 7.86
N LEU C 50 9.03 -21.76 8.19
CA LEU C 50 8.11 -22.32 7.21
C LEU C 50 7.14 -21.22 6.77
N GLU C 51 6.55 -20.50 7.72
CA GLU C 51 5.59 -19.47 7.37
C GLU C 51 6.15 -18.41 6.44
N GLU C 52 7.35 -17.93 6.74
CA GLU C 52 7.95 -16.93 5.84
C GLU C 52 8.32 -17.49 4.49
N ALA C 53 8.79 -18.72 4.45
CA ALA C 53 9.13 -19.38 3.19
C ALA C 53 7.87 -19.60 2.32
N VAL C 54 6.76 -19.95 2.96
CA VAL C 54 5.49 -20.12 2.19
C VAL C 54 5.09 -18.80 1.61
N ALA C 55 5.15 -17.72 2.39
CA ALA C 55 4.77 -16.40 1.88
C ALA C 55 5.57 -16.02 0.65
N TYR C 56 6.86 -16.31 0.63
CA TYR C 56 7.67 -15.97 -0.54
C TYR C 56 7.22 -16.79 -1.77
N GLN C 57 6.99 -18.08 -1.60
CA GLN C 57 6.52 -18.93 -2.71
C GLN C 57 5.16 -18.40 -3.25
N VAL C 58 4.23 -18.08 -2.35
CA VAL C 58 2.88 -17.59 -2.76
C VAL C 58 3.00 -16.25 -3.48
N THR C 59 3.90 -15.38 -3.02
CA THR C 59 4.09 -14.06 -3.60
C THR C 59 4.65 -14.18 -5.02
N ASN C 60 5.69 -15.00 -5.20
CA ASN C 60 6.48 -14.97 -6.43
C ASN C 60 6.20 -16.09 -7.39
N GLY C 61 5.54 -17.15 -6.95
CA GLY C 61 5.33 -18.30 -7.80
C GLY C 61 6.59 -19.10 -8.09
N GLN C 62 6.44 -20.22 -8.74
CA GLN C 62 7.59 -21.07 -9.15
C GLN C 62 7.08 -22.07 -10.15
N GLY C 63 7.67 -22.10 -11.34
CA GLY C 63 7.12 -23.00 -12.35
C GLY C 63 5.64 -22.78 -12.58
N ALA C 64 4.86 -23.85 -12.53
CA ALA C 64 3.41 -23.77 -12.73
C ALA C 64 2.65 -23.26 -11.48
N MET C 65 3.33 -23.05 -10.35
CA MET C 65 2.72 -22.42 -9.15
C MET C 65 2.57 -20.91 -9.45
N PRO C 66 1.33 -20.43 -9.56
CA PRO C 66 1.20 -19.01 -9.88
C PRO C 66 1.78 -18.07 -8.82
N ALA C 67 2.14 -16.86 -9.25
CA ALA C 67 2.44 -15.74 -8.40
C ALA C 67 1.16 -15.05 -7.97
N PHE C 68 1.01 -14.85 -6.67
CA PHE C 68 -0.18 -14.16 -6.15
C PHE C 68 0.11 -12.76 -5.64
N GLY C 69 1.37 -12.33 -5.64
CA GLY C 69 1.72 -10.99 -5.21
C GLY C 69 1.00 -9.95 -6.07
N GLY C 70 0.48 -8.90 -5.44
CA GLY C 70 -0.23 -7.88 -6.19
C GLY C 70 -1.56 -8.32 -6.79
N ARG C 71 -1.99 -9.57 -6.49
CA ARG C 71 -3.33 -10.07 -6.80
C ARG C 71 -4.12 -10.32 -5.54
N LEU C 72 -3.61 -11.18 -4.69
CA LEU C 72 -4.13 -11.23 -3.32
C LEU C 72 -3.55 -10.09 -2.54
N SER C 73 -4.25 -9.63 -1.54
CA SER C 73 -3.71 -8.61 -0.65
C SER C 73 -2.53 -9.14 0.13
N ASP C 74 -1.71 -8.24 0.61
CA ASP C 74 -0.60 -8.55 1.44
C ASP C 74 -1.07 -9.32 2.70
N ALA C 75 -2.19 -8.86 3.29
CA ALA C 75 -2.75 -9.53 4.47
C ALA C 75 -3.25 -10.96 4.15
N ASP C 76 -3.88 -11.13 2.99
CA ASP C 76 -4.35 -12.43 2.58
C ASP C 76 -3.20 -13.41 2.38
N ILE C 77 -2.09 -12.94 1.81
CA ILE C 77 -0.92 -13.78 1.65
C ILE C 77 -0.36 -14.15 3.02
N ALA C 78 -0.24 -13.20 3.93
CA ALA C 78 0.18 -13.51 5.31
C ALA C 78 -0.71 -14.56 5.96
N ASN C 79 -2.02 -14.38 5.78
CA ASN C 79 -2.95 -15.27 6.43
C ASN C 79 -2.89 -16.69 5.86
N VAL C 80 -2.82 -16.81 4.55
CA VAL C 80 -2.72 -18.16 3.94
C VAL C 80 -1.39 -18.83 4.29
N ALA C 81 -0.32 -18.06 4.41
CA ALA C 81 0.97 -18.62 4.81
C ALA C 81 0.90 -19.13 6.24
N ALA C 82 0.26 -18.39 7.14
CA ALA C 82 0.07 -18.84 8.50
C ALA C 82 -0.75 -20.11 8.53
N TYR C 83 -1.79 -20.18 7.73
CA TYR C 83 -2.64 -21.39 7.62
C TYR C 83 -1.86 -22.60 7.18
N ILE C 84 -1.09 -22.46 6.08
CA ILE C 84 -0.31 -23.60 5.60
C ILE C 84 0.68 -24.06 6.63
N ALA C 85 1.40 -23.14 7.28
CA ALA C 85 2.39 -23.54 8.26
C ALA C 85 1.70 -24.32 9.40
N ASP C 86 0.53 -23.86 9.87
CA ASP C 86 -0.20 -24.51 10.96
C ASP C 86 -0.68 -25.89 10.52
N GLN C 87 -1.26 -25.96 9.32
CA GLN C 87 -1.76 -27.23 8.77
C GLN C 87 -0.63 -28.26 8.69
N ALA C 88 0.49 -27.83 8.11
CA ALA C 88 1.61 -28.74 7.85
C ALA C 88 2.28 -29.18 9.13
N GLU C 89 2.63 -28.23 10.00
CA GLU C 89 3.38 -28.56 11.20
C GLU C 89 2.59 -29.48 12.11
N ASN C 90 1.26 -29.30 12.13
CA ASN C 90 0.37 -30.06 12.97
C ASN C 90 -0.30 -31.24 12.28
N ASN C 91 0.07 -31.51 11.02
CA ASN C 91 -0.48 -32.64 10.26
C ASN C 91 -2.00 -32.64 10.26
N LYS C 92 -2.57 -31.43 10.07
CA LYS C 92 -4.03 -31.28 10.10
C LYS C 92 -4.66 -31.72 8.82
C LYS C 92 -4.72 -31.54 8.72
N TRP C 93 -3.83 -31.77 7.80
N TRP C 93 -3.97 -31.66 7.63
CA TRP C 93 -4.15 -32.52 6.62
CA TRP C 93 -4.57 -31.77 6.28
C TRP C 93 -3.03 -33.50 6.28
C TRP C 93 -5.42 -33.03 6.12
CHA HEM D . -11.54 26.21 0.47
CHB HEM D . -11.45 21.50 -0.43
CHC HEM D . -7.90 20.95 2.75
CHD HEM D . -8.54 25.50 4.20
C1A HEM D . -11.84 24.97 -0.05
C2A HEM D . -12.79 24.73 -1.10
C3A HEM D . -12.77 23.41 -1.38
C4A HEM D . -11.78 22.83 -0.52
CMA HEM D . -13.57 22.60 -2.40
CAA HEM D . -13.70 25.81 -1.69
CBA HEM D . -14.92 26.08 -0.79
CGA HEM D . -15.87 27.14 -1.30
O1A HEM D . -16.98 27.35 -0.68
O2A HEM D . -15.59 27.78 -2.34
C1B HEM D . -10.48 20.91 0.35
C2B HEM D . -10.05 19.54 0.26
C3B HEM D . -9.02 19.41 1.13
C4B HEM D . -8.80 20.70 1.75
CMB HEM D . -10.71 18.45 -0.61
CAB HEM D . -8.20 18.13 1.39
CBB HEM D . -7.51 17.60 0.24
C1C HEM D . -7.79 22.13 3.46
C2C HEM D . -6.98 22.29 4.64
C3C HEM D . -7.18 23.56 5.07
C4C HEM D . -8.14 24.20 4.16
CMC HEM D . -6.09 21.23 5.27
CAC HEM D . -6.62 24.26 6.33
CBC HEM D . -5.23 24.30 6.50
C1D HEM D . -9.34 26.13 3.26
C2D HEM D . -9.56 27.55 3.19
C3D HEM D . -10.43 27.78 2.06
C4D HEM D . -10.71 26.46 1.50
CMD HEM D . -9.02 28.66 4.06
CAD HEM D . -10.88 29.11 1.52
CBD HEM D . -9.71 29.69 0.69
CGD HEM D . -10.09 31.07 0.18
O1D HEM D . -10.75 31.16 -0.86
O2D HEM D . -9.75 32.06 0.82
NA HEM D . -11.21 23.81 0.29
NB HEM D . -9.74 21.57 1.26
NC HEM D . -8.49 23.28 3.21
ND HEM D . -10.01 25.49 2.22
FE HEM D . -9.87 23.54 1.73
S SO4 E . 6.90 -4.80 13.31
O1 SO4 E . 8.28 -4.47 12.91
O2 SO4 E . 6.86 -6.17 13.85
O3 SO4 E . 6.03 -4.66 12.15
O4 SO4 E . 6.48 -3.83 14.34
S SO4 F . -2.20 -4.16 0.19
O1 SO4 F . -1.17 -3.22 0.01
O2 SO4 F . -2.06 -5.56 -0.18
O3 SO4 F . -3.32 -3.68 -0.63
O4 SO4 F . -2.71 -4.22 1.59
CHA HEM G . 6.09 5.42 -1.83
CHB HEM G . 9.42 2.15 -0.67
CHC HEM G . 7.38 -1.05 -3.65
CHD HEM G . 4.50 2.49 -5.29
C1A HEM G . 7.16 4.79 -1.25
C2A HEM G . 8.06 5.39 -0.28
C3A HEM G . 8.95 4.50 0.10
C4A HEM G . 8.67 3.30 -0.70
CMA HEM G . 10.07 4.61 1.11
CAA HEM G . 7.91 6.84 0.19
CBA HEM G . 8.54 7.82 -0.80
CGA HEM G . 8.35 9.29 -0.48
O1A HEM G . 9.01 10.16 -1.20
O2A HEM G . 7.62 9.64 0.46
C1B HEM G . 9.18 0.99 -1.35
C2B HEM G . 9.87 -0.26 -1.19
C3B HEM G . 9.26 -1.17 -1.99
C4B HEM G . 8.19 -0.49 -2.67
CMB HEM G . 11.11 -0.47 -0.32
CAB HEM G . 9.61 -2.65 -2.14
CBB HEM G . 9.49 -3.42 -0.93
C1C HEM G . 6.46 -0.35 -4.39
C2C HEM G . 5.75 -0.90 -5.52
C3C HEM G . 4.99 0.11 -6.00
C4C HEM G . 5.16 1.30 -5.18
CMC HEM G . 5.95 -2.30 -6.08
CAC HEM G . 4.15 0.04 -7.28
CBC HEM G . 3.12 -0.92 -7.42
C1D HEM G . 4.62 3.54 -4.45
C2D HEM G . 3.76 4.67 -4.51
C3D HEM G . 4.19 5.54 -3.42
C4D HEM G . 5.32 4.92 -2.84
CMD HEM G . 2.60 4.94 -5.43
CAD HEM G . 3.55 6.85 -3.03
CBD HEM G . 2.22 6.54 -2.26
CGD HEM G . 1.57 7.79 -1.73
O1D HEM G . 2.03 8.37 -0.79
O2D HEM G . 0.58 8.18 -2.33
NA HEM G . 7.60 3.53 -1.52
NB HEM G . 8.17 0.81 -2.28
NC HEM G . 6.09 0.98 -4.22
ND HEM G . 5.55 3.71 -3.42
FE HEM G . 6.85 2.24 -2.85
CHA HEM H . 3.74 -25.39 -5.05
CHB HEM H . 1.08 -22.69 -2.02
CHC HEM H . -2.16 -21.96 -5.48
CHD HEM H . 0.12 -25.13 -8.26
C1A HEM H . 3.30 -24.70 -3.92
C2A HEM H . 4.04 -24.63 -2.69
C3A HEM H . 3.33 -23.86 -1.83
C4A HEM H . 2.11 -23.45 -2.53
CMA HEM H . 3.66 -23.43 -0.42
CAA HEM H . 5.36 -25.35 -2.43
CBA HEM H . 5.08 -26.82 -2.13
CGA HEM H . 6.34 -27.64 -1.78
O1A HEM H . 6.23 -28.84 -1.37
O2A HEM H . 7.48 -27.13 -1.90
C1B HEM H . -0.04 -22.26 -2.67
C2B HEM H . -1.05 -21.38 -2.17
C3B HEM H . -1.91 -21.13 -3.13
C4B HEM H . -1.48 -21.91 -4.27
CMB HEM H . -1.08 -20.83 -0.76
CAB HEM H . -3.13 -20.22 -3.08
CBB HEM H . -2.87 -18.87 -2.82
C1C HEM H . -1.86 -22.82 -6.52
C2C HEM H . -2.70 -23.06 -7.68
C3C HEM H . -2.08 -23.95 -8.46
C4C HEM H . -0.82 -24.27 -7.79
CMC HEM H . -4.07 -22.40 -7.94
CAC HEM H . -2.59 -24.58 -9.77
CBC HEM H . -2.98 -23.78 -10.81
C1D HEM H . 1.33 -25.42 -7.70
C2D HEM H . 2.38 -26.14 -8.35
C3D HEM H . 3.49 -26.20 -7.38
C4D HEM H . 3.02 -25.52 -6.21
CMD HEM H . 2.42 -26.72 -9.76
CAD HEM H . 4.84 -26.84 -7.65
CBD HEM H . 5.67 -25.81 -8.43
CGD HEM H . 7.09 -26.27 -8.70
O1D HEM H . 7.91 -26.40 -7.76
O2D HEM H . 7.44 -26.50 -9.87
NA HEM H . 2.14 -23.95 -3.82
NB HEM H . -0.33 -22.63 -3.97
NC HEM H . -0.72 -23.57 -6.60
ND HEM H . 1.74 -25.03 -6.44
FE HEM H . 0.69 -23.79 -5.22
#